data_5P2P
#
_entry.id   5P2P
#
_cell.length_a   52.570
_cell.length_b   62.440
_cell.length_c   85.580
_cell.angle_alpha   90.00
_cell.angle_beta   90.00
_cell.angle_gamma   90.00
#
_symmetry.space_group_name_H-M   'P 21 21 21'
#
loop_
_entity.id
_entity.type
_entity.pdbx_description
1 polymer 'PHOSPHOLIPASE A2'
2 non-polymer 'CALCIUM ION'
3 non-polymer 'PHOSPHONIC ACID 2-DODECANOYLAMINO-HEXYL ESTER PROPYL ESTER'
4 water water
#
_entity_poly.entity_id   1
_entity_poly.type   'polypeptide(L)'
_entity_poly.pdbx_seq_one_letter_code
;ALFQFRSMIKCAIPGSHPLMDFNNYGCYCGWGGSGTPVDELDRCCETHDNCYRDAKNLSGCYPYTESYSYSCSNTEITCN
SKNNACEAFICNCDRNAAICFSKAPYNKEHKNLDTKKYC
;
_entity_poly.pdbx_strand_id   A,B
#
loop_
_chem_comp.id
_chem_comp.type
_chem_comp.name
_chem_comp.formula
CA non-polymer 'CALCIUM ION' 'Ca 2'
DHG non-polymer 'PHOSPHONIC ACID 2-DODECANOYLAMINO-HEXYL ESTER PROPYL ESTER' 'C20 H42 N O6 P'
#
# COMPACT_ATOMS: atom_id res chain seq x y z
N ALA A 1 -0.75 -6.72 -2.83
CA ALA A 1 -1.98 -7.42 -3.15
C ALA A 1 -2.00 -7.90 -4.59
N LEU A 2 -2.88 -8.84 -4.93
CA LEU A 2 -2.88 -9.34 -6.28
C LEU A 2 -2.96 -8.26 -7.35
N PHE A 3 -3.70 -7.17 -7.11
CA PHE A 3 -3.87 -6.09 -8.12
C PHE A 3 -2.60 -5.30 -8.40
N GLN A 4 -1.79 -5.19 -7.36
CA GLN A 4 -0.55 -4.51 -7.45
C GLN A 4 0.48 -5.33 -8.20
N PHE A 5 0.42 -6.65 -8.12
CA PHE A 5 1.32 -7.58 -8.77
C PHE A 5 1.17 -7.43 -10.27
N ARG A 6 -0.07 -7.47 -10.74
CA ARG A 6 -0.42 -7.27 -12.14
C ARG A 6 0.27 -6.06 -12.75
N SER A 7 0.30 -4.98 -12.01
CA SER A 7 0.90 -3.71 -12.41
C SER A 7 2.38 -3.69 -12.38
N MET A 8 2.91 -4.43 -11.45
CA MET A 8 4.34 -4.50 -11.29
C MET A 8 4.90 -5.29 -12.45
N ILE A 9 4.20 -6.30 -12.94
CA ILE A 9 4.73 -7.05 -14.07
C ILE A 9 4.83 -6.17 -15.34
N LYS A 10 3.88 -5.22 -15.44
CA LYS A 10 3.75 -4.23 -16.51
C LYS A 10 4.90 -3.24 -16.43
N CYS A 11 5.26 -2.86 -15.22
CA CYS A 11 6.37 -1.97 -15.01
C CYS A 11 7.64 -2.61 -15.58
N ALA A 12 7.96 -3.80 -15.11
CA ALA A 12 9.12 -4.55 -15.53
C ALA A 12 9.09 -4.92 -17.02
N ILE A 13 7.92 -5.31 -17.55
CA ILE A 13 7.74 -5.70 -18.93
C ILE A 13 6.59 -4.92 -19.53
N PRO A 14 6.87 -3.68 -19.92
CA PRO A 14 5.93 -2.74 -20.50
C PRO A 14 4.98 -3.24 -21.58
N GLY A 15 5.40 -4.16 -22.43
CA GLY A 15 4.47 -4.60 -23.46
C GLY A 15 3.79 -5.93 -23.13
N SER A 16 3.63 -6.21 -21.84
CA SER A 16 3.02 -7.45 -21.43
C SER A 16 1.55 -7.29 -21.09
N HIS A 17 0.86 -8.43 -21.19
CA HIS A 17 -0.53 -8.57 -20.83
C HIS A 17 -0.57 -9.71 -19.82
N PRO A 18 -0.11 -9.41 -18.59
CA PRO A 18 0.06 -10.37 -17.51
C PRO A 18 -0.93 -11.47 -17.37
N LEU A 19 -2.22 -11.17 -17.41
CA LEU A 19 -3.23 -12.19 -17.31
C LEU A 19 -3.22 -13.08 -18.50
N MET A 20 -3.01 -12.52 -19.67
CA MET A 20 -3.01 -13.34 -20.87
C MET A 20 -1.72 -14.12 -21.08
N ASP A 21 -0.61 -13.47 -20.77
CA ASP A 21 0.71 -14.04 -20.98
C ASP A 21 1.17 -15.02 -19.91
N PHE A 22 1.04 -14.62 -18.65
CA PHE A 22 1.50 -15.35 -17.48
C PHE A 22 0.56 -16.30 -16.77
N ASN A 23 -0.72 -16.09 -16.87
CA ASN A 23 -1.65 -16.96 -16.21
C ASN A 23 -1.81 -18.23 -16.99
N ASN A 24 -1.99 -19.33 -16.28
CA ASN A 24 -2.17 -20.65 -16.88
C ASN A 24 -1.04 -21.06 -17.81
N TYR A 25 0.16 -21.04 -17.26
CA TYR A 25 1.40 -21.34 -17.91
C TYR A 25 2.21 -22.29 -17.01
N GLY A 26 2.71 -23.33 -17.64
CA GLY A 26 3.47 -24.31 -16.96
C GLY A 26 2.60 -25.02 -15.97
N CYS A 27 3.22 -25.62 -14.97
CA CYS A 27 2.51 -26.34 -13.92
C CYS A 27 2.19 -25.48 -12.68
N TYR A 28 2.96 -24.40 -12.53
CA TYR A 28 2.97 -23.45 -11.45
C TYR A 28 2.38 -22.08 -11.75
N CYS A 29 2.37 -21.54 -12.99
CA CYS A 29 1.84 -20.18 -13.19
C CYS A 29 0.34 -20.09 -13.12
N GLY A 30 -0.16 -19.37 -12.12
CA GLY A 30 -1.60 -19.31 -11.93
C GLY A 30 -1.90 -19.95 -10.58
N TRP A 31 -3.16 -19.90 -10.14
CA TRP A 31 -3.61 -20.43 -8.84
C TRP A 31 -3.27 -21.90 -8.60
N GLY A 32 -2.38 -22.14 -7.64
CA GLY A 32 -2.00 -23.50 -7.35
C GLY A 32 -0.72 -23.83 -8.11
N GLY A 33 -0.39 -25.10 -8.11
CA GLY A 33 0.80 -25.58 -8.77
C GLY A 33 1.21 -26.87 -8.09
N SER A 34 1.70 -27.79 -8.96
CA SER A 34 2.19 -29.11 -8.60
C SER A 34 3.15 -29.72 -9.62
N GLY A 35 3.93 -30.70 -9.15
CA GLY A 35 4.89 -31.39 -9.98
C GLY A 35 6.21 -30.67 -10.11
N THR A 36 6.80 -30.82 -11.29
CA THR A 36 8.10 -30.28 -11.66
C THR A 36 7.90 -29.19 -12.70
N PRO A 37 8.53 -28.04 -12.52
CA PRO A 37 8.31 -26.98 -13.47
C PRO A 37 8.78 -27.35 -14.87
N VAL A 38 7.93 -27.15 -15.84
CA VAL A 38 8.32 -27.44 -17.18
C VAL A 38 9.55 -26.67 -17.67
N ASP A 39 9.85 -25.48 -17.16
CA ASP A 39 10.95 -24.71 -17.71
C ASP A 39 11.38 -23.57 -16.81
N GLU A 40 12.06 -22.57 -17.37
CA GLU A 40 12.57 -21.41 -16.65
C GLU A 40 11.48 -20.47 -16.11
N LEU A 41 10.49 -20.18 -16.95
CA LEU A 41 9.41 -19.30 -16.56
C LEU A 41 8.62 -19.89 -15.41
N ASP A 42 8.33 -21.18 -15.57
CA ASP A 42 7.59 -21.99 -14.63
C ASP A 42 8.20 -22.03 -13.23
N ARG A 43 9.53 -22.06 -13.21
CA ARG A 43 10.32 -22.06 -12.01
C ARG A 43 10.25 -20.70 -11.36
N CYS A 44 10.09 -19.67 -12.18
CA CYS A 44 9.96 -18.32 -11.69
C CYS A 44 8.70 -18.32 -10.84
N CYS A 45 7.66 -18.91 -11.41
CA CYS A 45 6.33 -19.11 -10.84
C CYS A 45 6.34 -19.97 -9.58
N GLU A 46 6.88 -21.17 -9.66
CA GLU A 46 6.99 -21.99 -8.48
C GLU A 46 7.71 -21.27 -7.35
N THR A 47 8.71 -20.42 -7.61
CA THR A 47 9.41 -19.72 -6.55
C THR A 47 8.57 -18.62 -5.94
N HIS A 48 7.57 -18.11 -6.65
CA HIS A 48 6.68 -17.06 -6.16
C HIS A 48 5.65 -17.76 -5.24
N ASP A 49 5.11 -18.86 -5.75
CA ASP A 49 4.25 -19.71 -4.97
C ASP A 49 4.93 -19.98 -3.62
N ASN A 50 6.14 -20.50 -3.59
CA ASN A 50 6.84 -20.77 -2.35
C ASN A 50 7.13 -19.55 -1.53
N CYS A 51 7.38 -18.42 -2.18
CA CYS A 51 7.61 -17.14 -1.52
C CYS A 51 6.36 -16.72 -0.75
N TYR A 52 5.19 -16.86 -1.39
CA TYR A 52 3.92 -16.57 -0.75
C TYR A 52 3.66 -17.50 0.45
N ARG A 53 4.05 -18.77 0.25
CA ARG A 53 3.91 -19.82 1.26
C ARG A 53 4.72 -19.53 2.50
N ASP A 54 5.94 -19.03 2.36
CA ASP A 54 6.70 -18.66 3.55
C ASP A 54 6.06 -17.48 4.25
N ALA A 55 5.40 -16.61 3.52
CA ALA A 55 4.75 -15.44 4.09
C ALA A 55 3.64 -15.80 5.05
N LYS A 56 2.82 -16.77 4.70
CA LYS A 56 1.78 -17.24 5.61
C LYS A 56 2.52 -18.01 6.70
N ASN A 57 3.24 -17.21 7.49
CA ASN A 57 4.11 -17.56 8.60
C ASN A 57 4.31 -16.30 9.44
N LEU A 58 3.85 -15.19 8.89
CA LEU A 58 3.83 -13.91 9.55
C LEU A 58 2.41 -13.90 10.03
N SER A 59 2.21 -13.58 11.29
CA SER A 59 0.86 -13.55 11.85
C SER A 59 -0.10 -12.60 11.12
N GLY A 60 -1.19 -13.15 10.59
CA GLY A 60 -2.12 -12.31 9.88
C GLY A 60 -1.52 -11.75 8.59
N CYS A 61 -0.65 -12.54 7.94
CA CYS A 61 -0.07 -12.14 6.68
C CYS A 61 -0.71 -12.94 5.57
N TYR A 62 -1.53 -12.25 4.78
CA TYR A 62 -2.29 -12.80 3.68
C TYR A 62 -1.85 -12.11 2.41
N PRO A 63 -1.05 -12.77 1.61
CA PRO A 63 -0.50 -12.24 0.38
C PRO A 63 -1.45 -11.79 -0.74
N TYR A 64 -2.55 -12.50 -1.01
CA TYR A 64 -3.44 -12.11 -2.07
C TYR A 64 -4.07 -10.75 -1.87
N THR A 65 -4.35 -10.42 -0.60
CA THR A 65 -5.05 -9.19 -0.30
C THR A 65 -4.31 -8.13 0.52
N GLU A 66 -3.01 -8.33 0.75
CA GLU A 66 -2.22 -7.39 1.51
C GLU A 66 -1.62 -6.36 0.56
N SER A 67 -2.06 -5.10 0.70
CA SER A 67 -1.61 -3.99 -0.14
C SER A 67 -0.34 -3.40 0.39
N TYR A 68 0.61 -3.17 -0.47
CA TYR A 68 1.86 -2.59 -0.05
C TYR A 68 2.07 -1.31 -0.85
N SER A 69 3.16 -0.61 -0.57
CA SER A 69 3.60 0.58 -1.26
C SER A 69 4.83 0.28 -2.14
N TYR A 70 4.76 0.63 -3.44
CA TYR A 70 5.87 0.36 -4.37
C TYR A 70 5.90 1.41 -5.45
N SER A 71 7.04 1.46 -6.15
CA SER A 71 7.09 2.38 -7.25
C SER A 71 7.79 1.78 -8.43
N CYS A 72 7.53 2.47 -9.53
CA CYS A 72 8.06 2.23 -10.85
C CYS A 72 8.73 3.42 -11.48
N SER A 73 10.05 3.50 -11.39
CA SER A 73 10.83 4.57 -12.01
C SER A 73 11.39 3.82 -13.19
N ASN A 74 10.43 3.45 -13.97
CA ASN A 74 10.58 2.70 -15.22
C ASN A 74 11.39 1.45 -15.37
N THR A 75 10.73 0.33 -15.54
CA THR A 75 11.27 -1.00 -15.66
C THR A 75 11.87 -1.47 -14.36
N GLU A 76 12.15 -0.49 -13.52
CA GLU A 76 12.70 -0.66 -12.19
C GLU A 76 11.64 -0.54 -11.12
N ILE A 77 11.48 -1.61 -10.36
CA ILE A 77 10.53 -1.71 -9.27
C ILE A 77 11.22 -1.48 -7.94
N THR A 78 10.60 -0.65 -7.10
CA THR A 78 11.09 -0.28 -5.78
C THR A 78 9.99 -0.51 -4.74
N CYS A 79 10.32 -1.26 -3.72
CA CYS A 79 9.47 -1.60 -2.62
C CYS A 79 9.77 -0.62 -1.51
N ASN A 80 8.74 0.13 -1.10
CA ASN A 80 8.94 1.12 -0.08
C ASN A 80 9.55 0.57 1.18
N SER A 81 10.67 1.12 1.55
CA SER A 81 11.35 0.68 2.73
C SER A 81 10.50 0.93 3.95
N LYS A 82 9.37 1.58 3.76
CA LYS A 82 8.53 1.87 4.90
C LYS A 82 7.37 0.92 5.07
N ASN A 83 7.30 -0.10 4.24
CA ASN A 83 6.23 -1.08 4.35
C ASN A 83 6.34 -1.87 5.66
N ASN A 84 5.27 -2.28 6.29
CA ASN A 84 5.46 -3.13 7.46
C ASN A 84 6.05 -4.50 7.04
N ALA A 85 6.54 -5.31 7.99
CA ALA A 85 7.16 -6.60 7.73
C ALA A 85 6.42 -7.45 6.75
N CYS A 86 5.11 -7.54 6.93
CA CYS A 86 4.30 -8.36 6.08
C CYS A 86 4.24 -7.78 4.68
N GLU A 87 4.00 -6.47 4.57
CA GLU A 87 3.92 -5.85 3.28
C GLU A 87 5.25 -5.93 2.57
N ALA A 88 6.34 -5.83 3.28
CA ALA A 88 7.70 -5.86 2.73
C ALA A 88 8.02 -7.20 2.09
N PHE A 89 7.72 -8.21 2.86
CA PHE A 89 7.93 -9.57 2.43
C PHE A 89 7.24 -9.80 1.10
N ILE A 90 5.94 -9.58 1.08
CA ILE A 90 5.11 -9.81 -0.07
C ILE A 90 5.53 -8.98 -1.27
N CYS A 91 6.01 -7.77 -1.04
CA CYS A 91 6.43 -6.89 -2.10
C CYS A 91 7.66 -7.50 -2.74
N ASN A 92 8.52 -8.07 -1.90
CA ASN A 92 9.70 -8.74 -2.41
C ASN A 92 9.37 -9.94 -3.27
N CYS A 93 8.45 -10.74 -2.80
CA CYS A 93 8.06 -11.90 -3.57
C CYS A 93 7.62 -11.52 -4.96
N ASP A 94 6.86 -10.44 -5.06
CA ASP A 94 6.27 -9.93 -6.28
C ASP A 94 7.31 -9.30 -7.20
N ARG A 95 8.17 -8.47 -6.60
CA ARG A 95 9.24 -7.78 -7.33
C ARG A 95 10.17 -8.81 -7.98
N ASN A 96 10.56 -9.79 -7.18
CA ASN A 96 11.39 -10.85 -7.66
C ASN A 96 10.73 -11.58 -8.79
N ALA A 97 9.50 -12.04 -8.57
CA ALA A 97 8.85 -12.72 -9.65
C ALA A 97 8.81 -11.90 -10.93
N ALA A 98 8.54 -10.59 -10.84
CA ALA A 98 8.47 -9.76 -12.04
C ALA A 98 9.74 -9.70 -12.87
N ILE A 99 10.88 -9.57 -12.19
CA ILE A 99 12.21 -9.49 -12.76
C ILE A 99 12.59 -10.83 -13.37
N CYS A 100 12.25 -11.92 -12.67
CA CYS A 100 12.45 -13.29 -13.09
C CYS A 100 11.69 -13.48 -14.40
N PHE A 101 10.41 -13.12 -14.47
CA PHE A 101 9.67 -13.25 -15.71
C PHE A 101 10.30 -12.45 -16.84
N SER A 102 10.83 -11.28 -16.53
CA SER A 102 11.38 -10.47 -17.58
C SER A 102 12.65 -10.99 -18.22
N LYS A 103 13.30 -11.95 -17.59
CA LYS A 103 14.58 -12.46 -18.03
C LYS A 103 14.54 -13.89 -18.50
N ALA A 104 13.36 -14.48 -18.62
CA ALA A 104 13.23 -15.88 -18.96
C ALA A 104 12.56 -16.08 -20.29
N PRO A 105 12.98 -17.14 -20.99
CA PRO A 105 12.45 -17.52 -22.28
C PRO A 105 11.00 -17.90 -22.15
N TYR A 106 10.23 -17.68 -23.20
CA TYR A 106 8.82 -17.98 -23.18
C TYR A 106 8.40 -19.04 -24.19
N ASN A 107 8.18 -20.26 -23.76
CA ASN A 107 7.81 -21.24 -24.73
C ASN A 107 6.32 -21.30 -24.95
N LYS A 108 5.87 -20.94 -26.13
CA LYS A 108 4.47 -21.02 -26.49
C LYS A 108 3.84 -22.39 -26.28
N GLU A 109 4.64 -23.45 -26.34
CA GLU A 109 4.20 -24.82 -26.14
C GLU A 109 3.78 -25.09 -24.69
N HIS A 110 4.18 -24.23 -23.76
CA HIS A 110 3.87 -24.34 -22.35
C HIS A 110 2.67 -23.53 -21.89
N LYS A 111 2.15 -22.65 -22.73
CA LYS A 111 1.01 -21.83 -22.41
C LYS A 111 -0.18 -22.75 -22.32
N ASN A 112 -1.03 -22.63 -21.30
CA ASN A 112 -2.17 -23.50 -21.11
C ASN A 112 -1.77 -24.95 -21.19
N LEU A 113 -0.71 -25.34 -20.52
CA LEU A 113 -0.25 -26.72 -20.50
C LEU A 113 -1.26 -27.73 -19.97
N ASP A 114 -1.26 -28.98 -20.45
CA ASP A 114 -2.17 -29.98 -19.89
C ASP A 114 -1.56 -30.49 -18.58
N THR A 115 -1.91 -29.83 -17.47
CA THR A 115 -1.38 -30.16 -16.18
C THR A 115 -1.66 -31.59 -15.71
N LYS A 116 -2.85 -32.10 -15.98
CA LYS A 116 -3.16 -33.45 -15.53
C LYS A 116 -2.26 -34.42 -16.25
N LYS A 117 -1.61 -33.99 -17.31
CA LYS A 117 -0.81 -34.98 -17.96
C LYS A 117 0.66 -34.66 -18.03
N TYR A 118 1.06 -33.44 -17.76
CA TYR A 118 2.48 -33.13 -17.84
C TYR A 118 3.01 -32.61 -16.53
N CYS A 119 2.14 -32.55 -15.56
CA CYS A 119 2.60 -32.00 -14.33
C CYS A 119 3.22 -32.93 -13.32
N ALA B 1 -0.54 4.24 6.05
CA ALA B 1 0.55 4.46 6.99
C ALA B 1 0.96 5.91 6.93
N LEU B 2 1.50 6.31 8.10
CA LEU B 2 1.96 7.67 8.36
C LEU B 2 2.75 8.34 7.24
N PHE B 3 3.66 7.61 6.58
CA PHE B 3 4.48 8.14 5.50
C PHE B 3 3.61 8.47 4.32
N GLN B 4 2.58 7.67 4.12
CA GLN B 4 1.67 7.89 3.03
C GLN B 4 0.76 9.10 3.30
N PHE B 5 0.45 9.34 4.58
CA PHE B 5 -0.40 10.45 4.98
C PHE B 5 0.28 11.78 4.68
N ARG B 6 1.54 11.85 5.04
CA ARG B 6 2.40 12.98 4.72
C ARG B 6 2.32 13.35 3.24
N SER B 7 2.39 12.37 2.36
CA SER B 7 2.33 12.62 0.94
C SER B 7 0.94 12.99 0.46
N MET B 8 -0.02 12.46 1.20
CA MET B 8 -1.43 12.71 0.94
C MET B 8 -1.81 14.16 1.24
N ILE B 9 -1.18 14.79 2.20
CA ILE B 9 -1.48 16.18 2.51
C ILE B 9 -0.83 17.10 1.44
N LYS B 10 0.40 16.76 1.05
CA LYS B 10 1.19 17.49 0.08
C LYS B 10 0.46 17.59 -1.23
N CYS B 11 -0.32 16.55 -1.49
CA CYS B 11 -1.12 16.46 -2.68
C CYS B 11 -2.32 17.40 -2.69
N ALA B 12 -3.01 17.49 -1.55
CA ALA B 12 -4.16 18.34 -1.41
C ALA B 12 -3.76 19.77 -1.19
N ILE B 13 -2.53 19.97 -0.67
CA ILE B 13 -1.88 21.26 -0.38
C ILE B 13 -0.40 21.25 -0.79
N PRO B 14 -0.15 21.41 -2.10
CA PRO B 14 1.17 21.40 -2.72
C PRO B 14 2.29 22.20 -2.08
N GLY B 15 2.04 23.37 -1.58
CA GLY B 15 3.21 24.01 -1.01
C GLY B 15 3.50 23.65 0.45
N SER B 16 2.79 22.66 1.00
CA SER B 16 2.99 22.35 2.41
C SER B 16 4.14 21.45 2.79
N HIS B 17 4.48 21.54 4.09
CA HIS B 17 5.50 20.76 4.76
C HIS B 17 4.86 20.23 6.03
N PRO B 18 3.90 19.33 5.83
CA PRO B 18 3.09 18.68 6.85
C PRO B 18 3.78 18.49 8.18
N LEU B 19 4.95 17.90 8.16
CA LEU B 19 5.64 17.74 9.42
C LEU B 19 6.03 19.07 10.02
N MET B 20 6.52 20.03 9.23
CA MET B 20 6.84 21.26 9.91
C MET B 20 5.60 22.12 10.07
N ASP B 21 4.59 21.88 9.24
CA ASP B 21 3.39 22.70 9.27
C ASP B 21 2.27 22.33 10.23
N PHE B 22 1.90 21.06 10.29
CA PHE B 22 0.79 20.70 11.12
C PHE B 22 1.11 19.96 12.39
N ASN B 23 2.33 19.54 12.55
CA ASN B 23 2.67 18.79 13.74
C ASN B 23 2.89 19.80 14.84
N ASN B 24 2.35 19.54 16.02
CA ASN B 24 2.48 20.44 17.15
C ASN B 24 1.74 21.74 16.91
N TYR B 25 0.52 21.60 16.40
CA TYR B 25 -0.36 22.72 16.13
C TYR B 25 -1.63 22.52 16.92
N GLY B 26 -2.07 23.47 17.73
CA GLY B 26 -3.29 23.30 18.49
C GLY B 26 -3.10 22.27 19.61
N CYS B 27 -4.23 21.63 20.00
CA CYS B 27 -4.32 20.62 21.05
C CYS B 27 -4.30 19.20 20.53
N TYR B 28 -4.69 18.98 19.29
CA TYR B 28 -4.76 17.70 18.65
C TYR B 28 -3.84 17.33 17.47
N CYS B 29 -3.20 18.26 16.76
CA CYS B 29 -2.33 17.97 15.59
C CYS B 29 -0.95 17.54 16.00
N GLY B 30 -0.74 16.21 15.88
CA GLY B 30 0.42 15.43 16.31
C GLY B 30 0.03 14.26 17.25
N TRP B 31 1.01 13.48 17.71
CA TRP B 31 0.76 12.32 18.53
C TRP B 31 0.09 12.72 19.83
N GLY B 32 -1.06 12.13 20.03
CA GLY B 32 -1.83 12.43 21.19
C GLY B 32 -2.82 13.53 20.90
N GLY B 33 -3.37 14.10 21.98
CA GLY B 33 -4.35 15.16 21.87
C GLY B 33 -5.29 15.10 23.07
N SER B 34 -5.67 16.29 23.54
CA SER B 34 -6.58 16.44 24.66
C SER B 34 -7.18 17.84 24.71
N GLY B 35 -8.27 17.95 25.49
CA GLY B 35 -8.98 19.21 25.74
C GLY B 35 -9.99 19.56 24.66
N THR B 36 -10.13 20.88 24.44
CA THR B 36 -11.04 21.40 23.41
C THR B 36 -10.23 22.02 22.28
N PRO B 37 -10.50 21.65 21.05
CA PRO B 37 -9.75 22.14 19.92
C PRO B 37 -9.85 23.66 19.80
N VAL B 38 -8.73 24.37 19.70
CA VAL B 38 -8.64 25.82 19.65
C VAL B 38 -9.15 26.46 18.36
N ASP B 39 -9.33 25.70 17.30
CA ASP B 39 -9.73 26.31 16.06
C ASP B 39 -10.17 25.26 15.08
N GLU B 40 -10.56 25.72 13.91
CA GLU B 40 -11.04 24.85 12.85
C GLU B 40 -10.05 23.77 12.47
N LEU B 41 -8.79 24.18 12.27
CA LEU B 41 -7.73 23.26 11.93
C LEU B 41 -7.63 22.19 13.02
N ASP B 42 -7.54 22.69 14.26
CA ASP B 42 -7.47 21.85 15.42
C ASP B 42 -8.57 20.79 15.45
N ARG B 43 -9.73 21.17 14.94
CA ARG B 43 -10.93 20.36 14.82
C ARG B 43 -10.77 19.27 13.74
N CYS B 44 -10.04 19.59 12.67
CA CYS B 44 -9.74 18.64 11.62
C CYS B 44 -8.88 17.54 12.23
N CYS B 45 -7.93 17.92 13.10
CA CYS B 45 -7.03 17.01 13.78
C CYS B 45 -7.69 16.07 14.77
N GLU B 46 -8.61 16.55 15.61
CA GLU B 46 -9.35 15.75 16.57
C GLU B 46 -10.16 14.67 15.88
N THR B 47 -10.75 15.07 14.81
CA THR B 47 -11.57 14.18 14.01
C THR B 47 -10.75 13.03 13.40
N HIS B 48 -9.50 13.30 12.99
CA HIS B 48 -8.63 12.30 12.38
C HIS B 48 -8.21 11.34 13.48
N ASP B 49 -7.84 11.94 14.62
CA ASP B 49 -7.49 11.14 15.77
C ASP B 49 -8.61 10.16 16.06
N ASN B 50 -9.88 10.60 16.10
CA ASN B 50 -10.97 9.72 16.45
C ASN B 50 -11.35 8.78 15.35
N CYS B 51 -10.91 9.09 14.14
CA CYS B 51 -11.19 8.22 13.01
C CYS B 51 -10.30 7.01 13.24
N TYR B 52 -9.03 7.29 13.56
CA TYR B 52 -8.07 6.24 13.86
C TYR B 52 -8.50 5.40 15.07
N ARG B 53 -8.85 6.08 16.16
CA ARG B 53 -9.33 5.45 17.37
C ARG B 53 -10.41 4.43 17.00
N ASP B 54 -11.31 4.71 16.07
CA ASP B 54 -12.29 3.72 15.67
C ASP B 54 -11.73 2.54 14.89
N ALA B 55 -10.70 2.83 14.09
CA ALA B 55 -10.06 1.81 13.29
C ALA B 55 -9.70 0.59 14.11
N LYS B 56 -9.35 0.85 15.36
CA LYS B 56 -8.96 -0.19 16.29
C LYS B 56 -10.10 -1.08 16.78
N ASN B 57 -11.17 -1.16 16.01
CA ASN B 57 -12.36 -1.97 16.21
C ASN B 57 -12.31 -3.12 15.19
N LEU B 58 -11.60 -2.85 14.09
CA LEU B 58 -11.45 -3.82 13.05
C LEU B 58 -10.33 -4.71 13.55
N SER B 59 -10.43 -6.01 13.25
CA SER B 59 -9.37 -6.89 13.72
C SER B 59 -8.04 -6.78 12.99
N GLY B 60 -6.98 -6.64 13.79
CA GLY B 60 -5.61 -6.51 13.32
C GLY B 60 -5.34 -5.27 12.50
N CYS B 61 -6.05 -4.17 12.77
CA CYS B 61 -5.94 -2.91 12.05
C CYS B 61 -5.11 -1.86 12.81
N TYR B 62 -3.91 -1.61 12.33
CA TYR B 62 -3.04 -0.68 12.98
C TYR B 62 -2.83 0.55 12.11
N PRO B 63 -3.57 1.59 12.43
CA PRO B 63 -3.48 2.80 11.65
C PRO B 63 -2.12 3.38 11.29
N TYR B 64 -1.18 3.37 12.23
CA TYR B 64 0.11 3.98 11.99
C TYR B 64 0.99 3.31 10.94
N THR B 65 0.90 1.96 10.89
CA THR B 65 1.69 1.08 10.04
C THR B 65 1.00 0.31 8.91
N GLU B 66 -0.30 0.37 8.73
CA GLU B 66 -0.94 -0.30 7.65
C GLU B 66 -0.92 0.56 6.40
N SER B 67 -0.19 0.13 5.37
CA SER B 67 -0.09 0.81 4.08
C SER B 67 -1.25 0.43 3.20
N TYR B 68 -1.82 1.43 2.54
CA TYR B 68 -2.93 1.21 1.64
C TYR B 68 -2.55 1.63 0.22
N SER B 69 -3.49 1.48 -0.69
CA SER B 69 -3.31 1.87 -2.05
C SER B 69 -4.14 3.12 -2.36
N TYR B 70 -3.50 4.17 -2.83
CA TYR B 70 -4.23 5.39 -3.13
C TYR B 70 -3.47 6.16 -4.19
N SER B 71 -4.07 7.21 -4.67
CA SER B 71 -3.35 8.01 -5.62
C SER B 71 -3.82 9.44 -5.64
N CYS B 72 -2.91 10.25 -6.14
CA CYS B 72 -3.12 11.67 -6.25
C CYS B 72 -3.24 12.14 -7.68
N SER B 73 -4.45 12.54 -8.00
CA SER B 73 -4.91 13.00 -9.30
C SER B 73 -4.77 14.50 -9.52
N ASN B 74 -3.69 15.06 -9.06
CA ASN B 74 -3.52 16.50 -9.21
C ASN B 74 -4.44 17.20 -8.26
N THR B 75 -4.06 17.17 -6.98
CA THR B 75 -4.88 17.78 -5.96
C THR B 75 -5.93 16.79 -5.43
N GLU B 76 -6.71 16.15 -6.33
CA GLU B 76 -7.70 15.16 -6.03
C GLU B 76 -7.16 13.87 -5.53
N ILE B 77 -7.66 13.36 -4.42
CA ILE B 77 -7.26 12.14 -3.69
C ILE B 77 -8.25 11.00 -3.88
N THR B 78 -7.69 9.86 -4.28
CA THR B 78 -8.49 8.69 -4.52
C THR B 78 -7.96 7.48 -3.78
N CYS B 79 -8.83 6.91 -2.94
CA CYS B 79 -8.49 5.72 -2.20
C CYS B 79 -8.95 4.55 -3.07
N ASN B 80 -8.02 3.67 -3.45
CA ASN B 80 -8.32 2.50 -4.27
C ASN B 80 -9.40 1.60 -3.71
N SER B 81 -10.41 1.35 -4.55
CA SER B 81 -11.53 0.53 -4.15
C SER B 81 -11.10 -0.90 -3.94
N LYS B 82 -9.84 -1.16 -4.25
CA LYS B 82 -9.34 -2.50 -4.14
C LYS B 82 -8.70 -2.80 -2.80
N ASN B 83 -8.62 -1.76 -1.97
CA ASN B 83 -8.05 -1.90 -0.64
C ASN B 83 -8.87 -2.86 0.21
N ASN B 84 -8.24 -3.50 1.17
CA ASN B 84 -9.03 -4.36 2.04
C ASN B 84 -9.72 -3.43 3.06
N ALA B 85 -10.62 -4.00 3.84
CA ALA B 85 -11.38 -3.26 4.81
C ALA B 85 -10.54 -2.37 5.68
N CYS B 86 -9.45 -2.86 6.22
CA CYS B 86 -8.65 -2.03 7.09
C CYS B 86 -7.91 -0.92 6.38
N GLU B 87 -7.48 -1.24 5.16
CA GLU B 87 -6.75 -0.29 4.34
C GLU B 87 -7.67 0.86 3.94
N ALA B 88 -8.88 0.49 3.46
CA ALA B 88 -9.91 1.39 2.99
C ALA B 88 -10.36 2.39 4.05
N PHE B 89 -10.62 1.88 5.25
CA PHE B 89 -11.02 2.65 6.41
C PHE B 89 -9.96 3.72 6.73
N ILE B 90 -8.70 3.29 6.86
CA ILE B 90 -7.62 4.19 7.20
C ILE B 90 -7.34 5.22 6.11
N CYS B 91 -7.56 4.81 4.85
CA CYS B 91 -7.38 5.64 3.68
C CYS B 91 -8.36 6.76 3.75
N ASN B 92 -9.59 6.40 4.08
CA ASN B 92 -10.64 7.40 4.24
C ASN B 92 -10.33 8.40 5.35
N CYS B 93 -9.93 7.97 6.53
CA CYS B 93 -9.59 8.88 7.62
C CYS B 93 -8.62 9.98 7.16
N ASP B 94 -7.57 9.50 6.49
CA ASP B 94 -6.45 10.25 5.97
C ASP B 94 -6.93 11.23 4.89
N ARG B 95 -7.71 10.70 3.96
CA ARG B 95 -8.21 11.54 2.91
C ARG B 95 -9.14 12.65 3.39
N ASN B 96 -9.97 12.37 4.39
CA ASN B 96 -10.86 13.38 4.89
C ASN B 96 -10.16 14.49 5.63
N ALA B 97 -9.07 14.15 6.27
CA ALA B 97 -8.28 15.11 7.04
C ALA B 97 -7.57 16.05 6.08
N ALA B 98 -6.99 15.49 5.02
CA ALA B 98 -6.23 16.21 4.02
C ALA B 98 -7.14 17.27 3.40
N ILE B 99 -8.36 16.88 3.07
CA ILE B 99 -9.36 17.78 2.52
C ILE B 99 -9.76 18.83 3.54
N CYS B 100 -9.99 18.37 4.76
CA CYS B 100 -10.27 19.26 5.86
C CYS B 100 -9.14 20.29 5.97
N PHE B 101 -7.89 19.86 6.09
CA PHE B 101 -6.79 20.81 6.23
C PHE B 101 -6.79 21.87 5.12
N SER B 102 -7.09 21.40 3.91
CA SER B 102 -7.09 22.21 2.72
C SER B 102 -7.94 23.44 2.89
N LYS B 103 -9.13 23.23 3.47
CA LYS B 103 -10.17 24.20 3.69
C LYS B 103 -10.16 24.95 5.00
N ALA B 104 -9.18 24.78 5.85
CA ALA B 104 -9.24 25.50 7.10
C ALA B 104 -8.14 26.53 7.31
N PRO B 105 -8.50 27.66 7.89
CA PRO B 105 -7.55 28.73 8.11
C PRO B 105 -6.41 28.28 8.98
N TYR B 106 -5.23 28.75 8.65
CA TYR B 106 -4.12 28.35 9.48
C TYR B 106 -3.70 29.48 10.39
N ASN B 107 -3.73 29.27 11.69
CA ASN B 107 -3.31 30.29 12.63
C ASN B 107 -1.95 30.00 13.23
N LYS B 108 -0.98 30.65 12.65
CA LYS B 108 0.39 30.58 13.08
C LYS B 108 0.54 30.71 14.58
N GLU B 109 -0.41 31.37 15.25
CA GLU B 109 -0.27 31.49 16.70
C GLU B 109 -0.63 30.20 17.37
N HIS B 110 -1.34 29.34 16.64
CA HIS B 110 -1.75 28.06 17.18
C HIS B 110 -0.65 27.00 17.07
N LYS B 111 0.44 27.38 16.43
CA LYS B 111 1.59 26.54 16.22
C LYS B 111 2.41 26.57 17.49
N ASN B 112 2.78 25.36 17.90
CA ASN B 112 3.52 25.11 19.12
C ASN B 112 2.81 25.73 20.31
N LEU B 113 1.53 25.41 20.40
CA LEU B 113 0.68 25.93 21.44
C LEU B 113 1.07 25.35 22.77
N ASP B 114 0.94 26.17 23.82
CA ASP B 114 1.22 25.67 25.15
C ASP B 114 0.04 24.82 25.62
N THR B 115 0.23 23.56 25.28
CA THR B 115 -0.69 22.47 25.50
C THR B 115 -1.08 22.36 26.96
N LYS B 116 -0.05 22.39 27.80
CA LYS B 116 -0.14 22.28 29.23
C LYS B 116 -1.01 23.34 29.86
N LYS B 117 -1.26 24.41 29.13
CA LYS B 117 -2.03 25.53 29.65
C LYS B 117 -3.29 25.88 28.90
N TYR B 118 -3.33 25.51 27.63
CA TYR B 118 -4.46 25.83 26.79
C TYR B 118 -5.34 24.61 26.52
N CYS B 119 -4.78 23.44 26.74
CA CYS B 119 -5.54 22.25 26.51
C CYS B 119 -5.89 21.52 27.80
CA CA C . 0.83 -20.87 -8.49
C1 DHG D . 1.70 -17.77 -9.36
C2 DHG D . 3.07 -17.45 -10.03
C3 DHG D . 2.96 -16.25 -10.96
C4 DHG D . 1.79 -16.32 -11.96
C5 DHG D . 0.91 -15.11 -12.11
C6 DHG D . 0.93 -14.54 -13.51
C7 DHG D . -0.12 -13.38 -13.83
C8 DHG D . -0.89 -12.90 -12.58
C9 DHG D . -0.78 -11.37 -12.36
C10 DHG D . -1.73 -10.92 -11.23
C11 DHG D . -3.10 -11.43 -11.49
C12 DHG D . -3.60 -12.01 -10.26
O1 DHG D . 0.86 -18.64 -9.75
N DHG D . 1.49 -16.94 -8.23
CH1 DHG D . 0.70 -17.49 -5.95
CH2 DHG D . 0.25 -17.04 -7.41
CH3 DHG D . -0.45 -15.69 -7.54
CH4 DHG D . -1.29 -15.60 -8.81
CH5 DHG D . -2.64 -16.25 -8.58
CH6 DHG D . -3.33 -16.40 -9.87
O1P DHG D . -1.98 -19.74 -4.69
O2P DHG D . -0.72 -20.21 -6.85
O3P DHG D . -0.38 -18.04 -5.45
P DHG D . -0.77 -19.56 -5.51
OG1 DHG D . 0.34 -20.03 -4.55
CG1 DHG D . 0.23 -19.80 -3.21
CG2 DHG D . 0.59 -20.96 -2.36
OG2 DHG D . 1.95 -21.10 -2.38
CA CA E . -3.47 13.70 17.42
CA CA F . -1.38 -2.99 3.72
C1 DHG G . -3.39 13.67 13.93
C2 DHG G . -4.13 14.71 13.12
C3 DHG G . -3.23 15.28 11.91
C4 DHG G . -1.79 15.61 12.31
C5 DHG G . -0.83 15.90 11.17
C6 DHG G . 0.61 15.65 11.52
C7 DHG G . 1.45 15.95 10.30
C8 DHG G . 1.69 14.78 9.38
C9 DHG G . 2.87 13.97 9.89
C10 DHG G . 3.47 12.88 8.99
C11 DHG G . 3.27 11.61 9.72
C12 DHG G . 3.53 11.62 11.23
O1 DHG G . -2.72 13.98 15.03
N DHG G . -3.46 12.36 13.42
CH1 DHG G . -3.66 10.41 14.86
CH2 DHG G . -2.75 11.38 14.19
CH3 DHG G . -1.61 10.78 13.40
CH4 DHG G . -0.56 11.70 12.77
CH5 DHG G . 0.38 12.34 13.75
CH6 DHG G . 1.18 11.33 14.49
O1P DHG G . -2.07 9.09 17.96
O2P DHG G . -2.85 11.40 17.63
O3P DHG G . -2.91 9.74 15.72
P DHG G . -2.99 9.98 17.31
OG1 DHG G . -4.43 9.47 17.70
CG1 DHG G . -4.67 8.17 17.74
CG2 DHG G . -6.16 7.80 17.97
OG2 DHG G . -6.80 8.56 19.00
#